data_2OLH
#
_entry.id   2OLH
#
_cell.length_a   62.690
_cell.length_b   66.450
_cell.length_c   107.530
_cell.angle_alpha   90.00
_cell.angle_beta   90.00
_cell.angle_gamma   90.00
#
_symmetry.space_group_name_H-M   'P 21 21 21'
#
loop_
_entity.id
_entity.type
_entity.pdbx_description
1 polymer 'Chitinase-3-like protein 1'
2 branched alpha-D-mannopyranose-(1-4)-2-acetamido-2-deoxy-beta-D-glucopyranose-(1-4)-2-acetamido-2-deoxy-beta-D-glucopyranose
3 branched beta-D-glucopyranose-(1-4)-beta-D-glucopyranose
4 water water
#
_entity_poly.entity_id   1
_entity_poly.type   'polypeptide(L)'
_entity_poly.pdbx_seq_one_letter_code
;YKLICYYTSWSQYREGDGSCFPDAIDPFLCTHVIYSFANISNNEIDTWEWNDVTLYDTLNTLKNRNPKLKTLLSVGGWNF
GPERFSKIASKTQSRRTFIKSVPPFLRTHGFDGLDLAWLYPGRRDKRHLTALVKEMKAEFAREAQAGTERLLLSAAVSAG
KIAIDRGYDIAQISRHLDFISLLTYDFHGAWRQTVGHHSPLFRGNSDASSRFSNADYAVSYMLRLGAPANKLVMGIPTFG
RSFTLASSKTDVGAPISGPGIPGRFTKEKGILAYYEICDFLHGATTHRFRDQQVPYATKGNQWVAYDDQESVKNKARYLK
NRQLAGAMVWALDLDDFRGTFCGQNLTFPLTSAVKDVLARV
;
_entity_poly.pdbx_strand_id   A
#
loop_
_chem_comp.id
_chem_comp.type
_chem_comp.name
_chem_comp.formula
BGC D-saccharide, beta linking beta-D-glucopyranose 'C6 H12 O6'
MAN D-saccharide, alpha linking alpha-D-mannopyranose 'C6 H12 O6'
NAG D-saccharide, beta linking 2-acetamido-2-deoxy-beta-D-glucopyranose 'C8 H15 N O6'
#
# COMPACT_ATOMS: atom_id res chain seq x y z
N TYR A 1 -4.83 3.15 -17.45
CA TYR A 1 -4.20 2.68 -16.20
C TYR A 1 -4.50 3.56 -15.01
N LYS A 2 -4.66 2.93 -13.85
CA LYS A 2 -4.92 3.63 -12.60
C LYS A 2 -3.61 3.68 -11.83
N LEU A 3 -3.41 4.78 -11.11
CA LEU A 3 -2.24 4.91 -10.26
C LEU A 3 -2.85 5.29 -8.93
N ILE A 4 -2.81 4.34 -7.99
CA ILE A 4 -3.41 4.54 -6.68
C ILE A 4 -2.35 4.82 -5.63
N CYS A 5 -2.41 6.03 -5.06
CA CYS A 5 -1.43 6.47 -4.08
C CYS A 5 -1.99 6.74 -2.70
N TYR A 6 -1.37 6.11 -1.70
CA TYR A 6 -1.76 6.30 -0.30
C TYR A 6 -1.00 7.47 0.32
N TYR A 7 -1.68 8.22 1.15
CA TYR A 7 -1.04 9.31 1.88
C TYR A 7 -1.27 8.93 3.33
N THR A 8 -0.24 8.98 4.16
CA THR A 8 -0.45 8.61 5.56
C THR A 8 -0.56 9.78 6.55
N SER A 9 -1.64 9.72 7.33
CA SER A 9 -1.99 10.68 8.36
C SER A 9 -0.82 11.17 9.22
N TRP A 10 -0.17 10.22 9.89
CA TRP A 10 0.93 10.53 10.79
C TRP A 10 2.22 11.12 10.21
N SER A 11 2.27 11.32 8.90
CA SER A 11 3.50 11.85 8.31
C SER A 11 3.64 13.34 8.58
N GLN A 12 2.56 13.98 9.02
CA GLN A 12 2.63 15.41 9.31
C GLN A 12 3.58 15.67 10.46
N TYR A 13 3.68 14.72 11.38
CA TYR A 13 4.51 14.86 12.56
C TYR A 13 5.99 14.64 12.35
N ARG A 14 6.40 14.18 11.16
CA ARG A 14 7.82 13.96 10.93
C ARG A 14 8.57 15.27 11.02
N GLU A 15 9.79 15.22 11.53
CA GLU A 15 10.52 16.46 11.69
C GLU A 15 11.28 17.00 10.51
N GLY A 16 11.33 18.32 10.45
CA GLY A 16 12.01 19.00 9.37
C GLY A 16 11.39 18.69 8.04
N ASP A 17 12.24 18.44 7.05
CA ASP A 17 11.81 18.12 5.69
C ASP A 17 10.95 16.87 5.61
N GLY A 18 11.01 16.03 6.63
CA GLY A 18 10.22 14.82 6.59
C GLY A 18 8.72 15.05 6.72
N SER A 19 8.34 16.20 7.26
CA SER A 19 6.93 16.53 7.45
C SER A 19 6.22 16.61 6.11
N CYS A 20 5.04 16.01 6.02
CA CYS A 20 4.29 16.01 4.77
C CYS A 20 2.77 16.20 4.92
N PHE A 21 2.23 17.17 4.19
CA PHE A 21 0.78 17.43 4.21
C PHE A 21 0.25 17.27 2.78
N PRO A 22 -1.05 16.95 2.62
CA PRO A 22 -1.70 16.76 1.30
C PRO A 22 -1.16 17.78 0.33
N ASP A 23 -0.87 18.93 0.91
CA ASP A 23 -0.24 20.10 0.31
C ASP A 23 0.79 19.72 -0.78
N ALA A 24 1.76 18.90 -0.38
CA ALA A 24 2.85 18.48 -1.24
C ALA A 24 2.50 17.54 -2.39
N ILE A 25 1.29 16.99 -2.38
CA ILE A 25 0.88 16.06 -3.42
C ILE A 25 0.62 16.71 -4.78
N ASP A 26 1.37 16.27 -5.79
CA ASP A 26 1.17 16.79 -7.13
C ASP A 26 -0.18 16.24 -7.52
N PRO A 27 -1.13 17.11 -7.83
CA PRO A 27 -2.49 16.66 -8.20
C PRO A 27 -2.64 15.95 -9.54
N PHE A 28 -1.59 15.93 -10.34
CA PHE A 28 -1.68 15.28 -11.64
C PHE A 28 -0.85 14.02 -11.67
N LEU A 29 -0.32 13.67 -10.50
CA LEU A 29 0.52 12.51 -10.38
C LEU A 29 -0.26 11.21 -10.39
N CYS A 30 -1.21 11.06 -9.48
CA CYS A 30 -1.96 9.82 -9.39
C CYS A 30 -3.36 10.02 -9.89
N THR A 31 -4.08 8.91 -10.12
CA THR A 31 -5.46 8.97 -10.55
C THR A 31 -6.35 8.93 -9.30
N HIS A 32 -5.90 8.22 -8.27
CA HIS A 32 -6.65 8.11 -7.02
C HIS A 32 -5.69 8.25 -5.86
N VAL A 33 -6.03 9.13 -4.92
CA VAL A 33 -5.21 9.30 -3.73
C VAL A 33 -6.04 8.78 -2.59
N ILE A 34 -5.45 7.91 -1.78
CA ILE A 34 -6.16 7.33 -0.65
C ILE A 34 -5.64 7.86 0.68
N TYR A 35 -6.47 8.65 1.36
CA TYR A 35 -6.11 9.23 2.64
C TYR A 35 -6.11 8.10 3.63
N SER A 36 -4.94 7.83 4.20
CA SER A 36 -4.87 6.69 5.06
C SER A 36 -5.12 6.70 6.56
N PHE A 37 -6.15 5.93 6.85
CA PHE A 37 -6.71 5.54 8.11
C PHE A 37 -7.63 6.36 8.96
N ALA A 38 -8.89 5.95 8.79
CA ALA A 38 -10.03 6.45 9.50
C ALA A 38 -10.19 5.39 10.59
N ASN A 39 -10.74 5.81 11.72
CA ASN A 39 -10.99 4.90 12.83
C ASN A 39 -12.44 4.47 12.70
N ILE A 40 -12.83 3.49 13.51
CA ILE A 40 -14.22 3.02 13.51
C ILE A 40 -14.52 3.14 14.99
N SER A 41 -15.59 3.85 15.32
CA SER A 41 -15.89 4.08 16.73
C SER A 41 -17.38 4.18 17.00
N ASN A 42 -17.86 3.35 17.92
CA ASN A 42 -19.28 3.25 18.22
C ASN A 42 -19.93 2.61 17.01
N ASN A 43 -19.12 1.80 16.32
CA ASN A 43 -19.51 1.08 15.11
C ASN A 43 -19.79 1.99 13.92
N GLU A 44 -19.23 3.19 13.99
CA GLU A 44 -19.38 4.16 12.92
C GLU A 44 -18.01 4.65 12.46
N ILE A 45 -17.89 5.01 11.20
CA ILE A 45 -16.61 5.52 10.72
C ILE A 45 -16.35 6.86 11.44
N ASP A 46 -15.08 7.17 11.70
CA ASP A 46 -14.71 8.41 12.37
C ASP A 46 -13.27 8.79 12.02
N THR A 47 -12.85 9.95 12.51
CA THR A 47 -11.52 10.44 12.26
C THR A 47 -10.53 9.78 13.21
N TRP A 48 -9.24 10.01 12.97
CA TRP A 48 -8.20 9.41 13.82
C TRP A 48 -7.35 10.47 14.52
N GLU A 49 -6.86 11.43 13.73
CA GLU A 49 -6.02 12.52 14.21
C GLU A 49 -6.92 13.67 14.57
N TRP A 50 -6.47 14.57 15.46
CA TRP A 50 -7.26 15.72 15.86
C TRP A 50 -7.68 16.61 14.69
N ASN A 51 -6.77 16.86 13.77
CA ASN A 51 -7.06 17.72 12.63
C ASN A 51 -7.38 17.02 11.30
N ASP A 52 -8.02 15.86 11.34
CA ASP A 52 -8.34 15.16 10.10
C ASP A 52 -9.31 15.93 9.20
N VAL A 53 -10.36 16.49 9.78
CA VAL A 53 -11.31 17.24 8.97
C VAL A 53 -10.59 18.36 8.23
N THR A 54 -9.49 18.87 8.77
CA THR A 54 -8.75 19.92 8.08
C THR A 54 -7.93 19.32 6.92
N LEU A 55 -7.19 18.26 7.18
CA LEU A 55 -6.38 17.64 6.14
C LEU A 55 -7.26 16.98 5.07
N TYR A 56 -8.42 16.47 5.50
CA TYR A 56 -9.39 15.87 4.57
C TYR A 56 -9.65 16.95 3.52
N ASP A 57 -10.01 18.13 4.04
CA ASP A 57 -10.33 19.31 3.27
C ASP A 57 -9.16 19.71 2.37
N THR A 58 -7.95 19.69 2.92
CA THR A 58 -6.75 20.06 2.18
C THR A 58 -6.50 19.15 0.97
N LEU A 59 -6.74 17.85 1.19
CA LEU A 59 -6.55 16.83 0.15
C LEU A 59 -7.56 16.95 -0.99
N ASN A 60 -8.82 17.16 -0.64
CA ASN A 60 -9.86 17.26 -1.65
C ASN A 60 -9.88 18.58 -2.43
N THR A 61 -9.11 19.57 -2.01
CA THR A 61 -9.08 20.81 -2.77
C THR A 61 -8.17 20.52 -3.97
N LEU A 62 -7.40 19.43 -3.89
CA LEU A 62 -6.51 19.07 -4.98
C LEU A 62 -7.39 18.90 -6.18
N LYS A 63 -8.60 18.42 -5.93
CA LYS A 63 -9.60 18.20 -6.98
C LYS A 63 -10.02 19.48 -7.70
N ASN A 64 -9.72 20.63 -7.13
CA ASN A 64 -10.06 21.89 -7.78
C ASN A 64 -9.07 22.18 -8.88
N ARG A 65 -7.89 21.58 -8.77
CA ARG A 65 -6.87 21.78 -9.79
C ARG A 65 -6.92 20.67 -10.84
N ASN A 66 -7.27 19.46 -10.44
CA ASN A 66 -7.40 18.34 -11.39
C ASN A 66 -8.75 17.79 -11.10
N PRO A 67 -9.74 18.13 -11.93
CA PRO A 67 -11.10 17.64 -11.70
C PRO A 67 -11.25 16.15 -12.02
N LYS A 68 -10.20 15.56 -12.55
CA LYS A 68 -10.23 14.14 -12.85
C LYS A 68 -9.86 13.28 -11.63
N LEU A 69 -9.20 13.89 -10.65
CA LEU A 69 -8.76 13.20 -9.44
C LEU A 69 -9.90 12.56 -8.65
N LYS A 70 -9.66 11.36 -8.15
CA LYS A 70 -10.64 10.65 -7.34
C LYS A 70 -9.95 10.37 -6.00
N THR A 71 -10.62 10.66 -4.89
CA THR A 71 -10.03 10.38 -3.58
C THR A 71 -10.86 9.39 -2.74
N LEU A 72 -10.17 8.63 -1.90
CA LEU A 72 -10.82 7.66 -1.05
C LEU A 72 -10.24 7.76 0.34
N LEU A 73 -10.99 7.25 1.31
CA LEU A 73 -10.57 7.27 2.70
C LEU A 73 -10.45 5.81 3.08
N SER A 74 -9.32 5.42 3.66
CA SER A 74 -9.12 4.04 4.05
C SER A 74 -9.52 3.80 5.51
N VAL A 75 -10.28 2.74 5.76
CA VAL A 75 -10.69 2.45 7.12
C VAL A 75 -9.98 1.18 7.55
N GLY A 76 -9.48 1.20 8.78
CA GLY A 76 -8.74 0.06 9.27
C GLY A 76 -7.31 0.50 9.42
N GLY A 77 -6.39 -0.23 8.79
CA GLY A 77 -4.98 0.13 8.87
C GLY A 77 -4.11 -0.76 9.76
N TRP A 78 -2.83 -0.48 9.81
CA TRP A 78 -1.88 -1.26 10.61
C TRP A 78 -1.96 -1.02 12.14
N ASN A 79 -2.52 0.09 12.60
CA ASN A 79 -2.63 0.30 14.07
C ASN A 79 -4.06 0.13 14.56
N PHE A 80 -4.90 -0.43 13.69
CA PHE A 80 -6.29 -0.69 14.02
C PHE A 80 -6.37 -2.21 14.17
N GLY A 81 -6.49 -2.69 15.41
CA GLY A 81 -6.53 -4.12 15.62
C GLY A 81 -7.49 -4.93 14.77
N PRO A 82 -7.03 -6.06 14.18
CA PRO A 82 -7.91 -6.90 13.37
C PRO A 82 -9.11 -7.50 14.14
N GLU A 83 -8.94 -7.80 15.43
CA GLU A 83 -10.07 -8.36 16.19
C GLU A 83 -11.19 -7.32 16.24
N ARG A 84 -10.83 -6.03 16.12
CA ARG A 84 -11.84 -4.98 16.15
C ARG A 84 -12.71 -5.04 14.89
N PHE A 85 -12.11 -5.30 13.73
CA PHE A 85 -12.88 -5.38 12.49
C PHE A 85 -13.79 -6.58 12.63
N SER A 86 -13.20 -7.69 13.08
CA SER A 86 -13.90 -8.93 13.31
C SER A 86 -15.20 -8.76 14.11
N LYS A 87 -15.10 -8.09 15.27
CA LYS A 87 -16.29 -7.88 16.09
C LYS A 87 -17.38 -7.22 15.25
N ILE A 88 -17.00 -6.15 14.55
CA ILE A 88 -17.94 -5.40 13.71
C ILE A 88 -18.51 -6.23 12.56
N ALA A 89 -17.67 -7.00 11.89
CA ALA A 89 -18.11 -7.76 10.73
C ALA A 89 -18.97 -8.99 11.00
N SER A 90 -18.63 -9.74 12.04
CA SER A 90 -19.33 -10.98 12.36
C SER A 90 -20.67 -10.88 13.07
N LYS A 91 -21.05 -9.64 13.42
CA LYS A 91 -22.27 -9.34 14.16
C LYS A 91 -23.12 -8.42 13.30
N THR A 92 -24.05 -8.96 12.52
CA THR A 92 -24.86 -8.12 11.63
C THR A 92 -25.42 -6.81 12.22
N GLN A 93 -25.87 -6.80 13.47
CA GLN A 93 -26.38 -5.55 14.00
C GLN A 93 -25.34 -4.43 13.87
N SER A 94 -24.13 -4.70 14.33
CA SER A 94 -23.07 -3.70 14.31
C SER A 94 -22.51 -3.47 12.91
N ARG A 95 -22.72 -4.45 12.04
CA ARG A 95 -22.24 -4.33 10.66
C ARG A 95 -23.13 -3.37 9.86
N ARG A 96 -24.46 -3.51 9.98
CA ARG A 96 -25.37 -2.63 9.27
C ARG A 96 -25.17 -1.21 9.75
N THR A 97 -24.81 -1.08 11.03
CA THR A 97 -24.60 0.25 11.60
C THR A 97 -23.37 0.90 10.97
N PHE A 98 -22.28 0.16 10.87
CA PHE A 98 -21.05 0.70 10.27
C PHE A 98 -21.34 1.11 8.83
N ILE A 99 -21.93 0.21 8.07
CA ILE A 99 -22.25 0.50 6.68
C ILE A 99 -23.14 1.71 6.50
N LYS A 100 -24.23 1.79 7.25
CA LYS A 100 -25.15 2.92 7.08
C LYS A 100 -24.48 4.24 7.42
N SER A 101 -23.45 4.19 8.25
CA SER A 101 -22.76 5.40 8.68
C SER A 101 -21.76 5.94 7.68
N VAL A 102 -21.32 5.08 6.75
CA VAL A 102 -20.31 5.46 5.77
C VAL A 102 -20.64 6.51 4.71
N PRO A 103 -21.66 6.29 3.85
CA PRO A 103 -21.97 7.31 2.84
C PRO A 103 -22.03 8.77 3.30
N PRO A 104 -22.82 9.06 4.35
CA PRO A 104 -22.91 10.44 4.85
C PRO A 104 -21.54 11.03 5.18
N PHE A 105 -20.68 10.19 5.76
CA PHE A 105 -19.35 10.65 6.18
C PHE A 105 -18.49 11.08 5.00
N LEU A 106 -18.48 10.24 3.98
CA LEU A 106 -17.70 10.49 2.79
C LEU A 106 -18.23 11.72 2.07
N ARG A 107 -19.55 11.75 1.87
CA ARG A 107 -20.19 12.85 1.18
C ARG A 107 -19.89 14.18 1.90
N THR A 108 -19.93 14.17 3.23
CA THR A 108 -19.67 15.37 4.00
C THR A 108 -18.26 15.90 3.84
N HIS A 109 -17.29 15.00 3.69
CA HIS A 109 -15.89 15.41 3.59
C HIS A 109 -15.30 15.41 2.20
N GLY A 110 -16.13 15.14 1.20
CA GLY A 110 -15.66 15.20 -0.17
C GLY A 110 -14.88 14.04 -0.73
N PHE A 111 -15.09 12.84 -0.19
CA PHE A 111 -14.41 11.66 -0.70
C PHE A 111 -15.26 11.01 -1.79
N ASP A 112 -14.64 10.19 -2.63
CA ASP A 112 -15.34 9.51 -3.71
C ASP A 112 -15.49 8.02 -3.46
N GLY A 113 -14.99 7.56 -2.31
CA GLY A 113 -15.09 6.15 -2.02
C GLY A 113 -14.40 5.77 -0.72
N LEU A 114 -14.50 4.49 -0.37
CA LEU A 114 -13.92 3.95 0.83
C LEU A 114 -12.99 2.81 0.46
N ASP A 115 -11.89 2.70 1.19
CA ASP A 115 -10.94 1.63 0.98
C ASP A 115 -10.90 0.82 2.28
N LEU A 116 -11.14 -0.48 2.17
CA LEU A 116 -11.12 -1.36 3.33
C LEU A 116 -9.72 -1.90 3.49
N ALA A 117 -9.08 -1.57 4.59
CA ALA A 117 -7.73 -2.08 4.87
C ALA A 117 -7.76 -2.95 6.14
N TRP A 118 -8.62 -3.96 6.12
CA TRP A 118 -8.77 -4.90 7.23
C TRP A 118 -7.46 -5.69 7.17
N LEU A 119 -6.49 -5.30 7.96
CA LEU A 119 -5.25 -6.01 7.87
C LEU A 119 -5.21 -7.38 8.46
N TYR A 120 -5.58 -8.26 7.54
CA TYR A 120 -5.60 -9.69 7.68
C TYR A 120 -6.72 -10.33 8.44
N PRO A 121 -7.75 -10.77 7.69
CA PRO A 121 -8.94 -11.46 8.19
C PRO A 121 -8.40 -12.90 8.35
N GLY A 122 -8.90 -13.64 9.33
CA GLY A 122 -8.41 -14.98 9.55
C GLY A 122 -9.32 -16.06 9.00
N ARG A 123 -9.02 -17.32 9.33
CA ARG A 123 -9.83 -18.42 8.86
C ARG A 123 -11.28 -18.24 9.30
N ARG A 124 -11.48 -17.76 10.52
CA ARG A 124 -12.82 -17.59 11.04
C ARG A 124 -13.53 -16.31 10.57
N ASP A 125 -12.89 -15.54 9.70
CA ASP A 125 -13.48 -14.27 9.23
C ASP A 125 -13.94 -14.24 7.78
N LYS A 126 -13.41 -15.13 6.95
CA LYS A 126 -13.75 -15.17 5.52
C LYS A 126 -15.21 -14.92 5.19
N ARG A 127 -16.11 -15.78 5.68
CA ARG A 127 -17.54 -15.64 5.40
C ARG A 127 -18.01 -14.22 5.68
N HIS A 128 -17.44 -13.61 6.72
CA HIS A 128 -17.83 -12.27 7.12
C HIS A 128 -17.25 -11.13 6.28
N LEU A 129 -16.01 -11.25 5.83
CA LEU A 129 -15.43 -10.21 4.98
C LEU A 129 -16.31 -10.11 3.74
N THR A 130 -16.77 -11.27 3.25
CA THR A 130 -17.61 -11.31 2.07
C THR A 130 -18.92 -10.56 2.26
N ALA A 131 -19.52 -10.73 3.43
CA ALA A 131 -20.79 -10.07 3.75
C ALA A 131 -20.61 -8.55 3.80
N LEU A 132 -19.54 -8.12 4.47
CA LEU A 132 -19.21 -6.70 4.64
C LEU A 132 -19.11 -5.96 3.31
N VAL A 133 -18.39 -6.56 2.37
CA VAL A 133 -18.16 -6.02 1.03
C VAL A 133 -19.45 -5.97 0.21
N LYS A 134 -20.12 -7.11 0.18
CA LYS A 134 -21.38 -7.34 -0.53
C LYS A 134 -22.41 -6.29 -0.08
N GLU A 135 -22.61 -6.23 1.24
CA GLU A 135 -23.55 -5.29 1.84
C GLU A 135 -23.10 -3.83 1.71
N MET A 136 -21.79 -3.58 1.87
CA MET A 136 -21.27 -2.22 1.74
C MET A 136 -21.48 -1.70 0.33
N LYS A 137 -21.25 -2.55 -0.67
CA LYS A 137 -21.44 -2.13 -2.05
C LYS A 137 -22.92 -1.94 -2.35
N ALA A 138 -23.75 -2.79 -1.75
CA ALA A 138 -25.19 -2.70 -1.93
C ALA A 138 -25.66 -1.34 -1.45
N GLU A 139 -25.14 -0.93 -0.29
CA GLU A 139 -25.50 0.36 0.27
C GLU A 139 -25.04 1.47 -0.67
N PHE A 140 -23.86 1.27 -1.29
CA PHE A 140 -23.36 2.29 -2.23
C PHE A 140 -24.25 2.45 -3.47
N ALA A 141 -24.86 1.37 -3.96
CA ALA A 141 -25.72 1.46 -5.13
C ALA A 141 -26.95 2.29 -4.78
N ARG A 142 -27.63 1.90 -3.70
CA ARG A 142 -28.82 2.59 -3.22
C ARG A 142 -28.56 4.10 -3.09
N GLU A 143 -27.47 4.45 -2.42
CA GLU A 143 -27.13 5.83 -2.18
C GLU A 143 -26.89 6.64 -3.46
N ALA A 144 -26.72 5.98 -4.60
CA ALA A 144 -26.51 6.71 -5.86
C ALA A 144 -27.85 7.09 -6.51
N GLN A 145 -28.94 6.55 -5.98
CA GLN A 145 -30.26 6.85 -6.50
C GLN A 145 -30.53 8.33 -6.25
N ALA A 146 -29.88 8.87 -5.22
CA ALA A 146 -30.05 10.27 -4.87
C ALA A 146 -29.47 11.20 -5.90
N GLY A 147 -29.07 10.66 -7.05
CA GLY A 147 -28.56 11.52 -8.11
C GLY A 147 -27.10 11.86 -8.06
N THR A 148 -26.47 11.52 -6.95
CA THR A 148 -25.05 11.77 -6.78
C THR A 148 -24.31 10.59 -7.45
N GLU A 149 -23.00 10.71 -7.68
CA GLU A 149 -22.23 9.64 -8.33
C GLU A 149 -21.93 8.45 -7.41
N ARG A 150 -22.02 7.22 -7.92
CA ARG A 150 -21.75 6.04 -7.09
C ARG A 150 -20.38 6.10 -6.44
N LEU A 151 -20.35 5.90 -5.13
CA LEU A 151 -19.10 5.91 -4.39
C LEU A 151 -18.31 4.65 -4.76
N LEU A 152 -16.99 4.74 -4.81
CA LEU A 152 -16.14 3.60 -5.15
C LEU A 152 -15.83 2.80 -3.88
N LEU A 153 -15.61 1.51 -4.02
CA LEU A 153 -15.29 0.66 -2.89
C LEU A 153 -14.08 -0.20 -3.23
N SER A 154 -13.07 -0.19 -2.36
CA SER A 154 -11.88 -1.00 -2.63
C SER A 154 -11.35 -1.66 -1.38
N ALA A 155 -10.43 -2.60 -1.57
CA ALA A 155 -9.82 -3.33 -0.47
C ALA A 155 -8.34 -3.54 -0.70
N ALA A 156 -7.57 -3.47 0.38
CA ALA A 156 -6.12 -3.71 0.34
C ALA A 156 -6.05 -5.18 0.73
N VAL A 157 -5.55 -6.02 -0.17
CA VAL A 157 -5.51 -7.44 0.10
C VAL A 157 -4.13 -8.05 0.22
N SER A 158 -3.96 -8.94 1.20
CA SER A 158 -2.69 -9.61 1.39
C SER A 158 -2.24 -10.28 0.10
N ALA A 159 -0.93 -10.39 -0.09
CA ALA A 159 -0.38 -11.02 -1.28
C ALA A 159 0.32 -12.32 -0.92
N GLY A 160 0.07 -12.81 0.29
CA GLY A 160 0.67 -14.04 0.75
C GLY A 160 -0.31 -15.18 0.62
N LYS A 161 0.11 -16.23 -0.09
CA LYS A 161 -0.72 -17.40 -0.35
C LYS A 161 -1.44 -17.99 0.87
N ILE A 162 -0.70 -18.26 1.93
CA ILE A 162 -1.33 -18.82 3.12
C ILE A 162 -2.36 -17.83 3.64
N ALA A 163 -2.01 -16.55 3.62
CA ALA A 163 -2.90 -15.50 4.07
C ALA A 163 -4.13 -15.40 3.17
N ILE A 164 -3.92 -15.53 1.86
CA ILE A 164 -5.02 -15.45 0.91
C ILE A 164 -5.97 -16.65 1.06
N ASP A 165 -5.41 -17.85 1.20
CA ASP A 165 -6.22 -19.06 1.33
C ASP A 165 -7.01 -19.00 2.63
N ARG A 166 -6.37 -18.48 3.67
CA ARG A 166 -6.98 -18.37 5.00
C ARG A 166 -8.21 -17.47 5.13
N GLY A 167 -8.10 -16.22 4.69
CA GLY A 167 -9.19 -15.27 4.88
C GLY A 167 -9.99 -14.61 3.78
N TYR A 168 -9.69 -14.85 2.51
CA TYR A 168 -10.46 -14.18 1.44
C TYR A 168 -11.18 -15.09 0.44
N ASP A 169 -12.40 -14.73 0.10
CA ASP A 169 -13.14 -15.46 -0.91
C ASP A 169 -13.01 -14.48 -2.07
N ILE A 170 -11.84 -14.53 -2.71
CA ILE A 170 -11.54 -13.65 -3.83
C ILE A 170 -12.49 -13.72 -5.01
N ALA A 171 -13.05 -14.90 -5.28
CA ALA A 171 -14.00 -15.03 -6.37
C ALA A 171 -15.20 -14.13 -6.05
N GLN A 172 -15.64 -14.16 -4.80
CA GLN A 172 -16.78 -13.36 -4.38
C GLN A 172 -16.49 -11.87 -4.31
N ILE A 173 -15.66 -11.46 -3.36
CA ILE A 173 -15.38 -10.05 -3.16
C ILE A 173 -14.96 -9.26 -4.38
N SER A 174 -14.30 -9.89 -5.34
CA SER A 174 -13.86 -9.12 -6.51
C SER A 174 -14.99 -8.79 -7.47
N ARG A 175 -16.11 -9.50 -7.36
CA ARG A 175 -17.24 -9.23 -8.21
C ARG A 175 -17.98 -8.02 -7.63
N HIS A 176 -17.60 -7.62 -6.41
CA HIS A 176 -18.21 -6.48 -5.73
C HIS A 176 -17.33 -5.25 -5.50
N LEU A 177 -16.01 -5.42 -5.53
CA LEU A 177 -15.09 -4.31 -5.31
C LEU A 177 -14.77 -3.63 -6.62
N ASP A 178 -14.49 -2.34 -6.58
CA ASP A 178 -14.15 -1.59 -7.80
C ASP A 178 -12.71 -1.90 -8.25
N PHE A 179 -11.86 -2.20 -7.28
CA PHE A 179 -10.47 -2.61 -7.53
C PHE A 179 -9.84 -3.21 -6.27
N ILE A 180 -8.78 -3.99 -6.46
CA ILE A 180 -8.11 -4.68 -5.38
C ILE A 180 -6.63 -4.39 -5.38
N SER A 181 -6.13 -3.80 -4.31
CA SER A 181 -4.71 -3.50 -4.22
C SER A 181 -3.99 -4.69 -3.63
N LEU A 182 -3.13 -5.32 -4.42
CA LEU A 182 -2.35 -6.48 -3.95
C LEU A 182 -1.14 -5.96 -3.18
N LEU A 183 -1.03 -6.32 -1.91
CA LEU A 183 0.07 -5.86 -1.07
C LEU A 183 1.38 -6.61 -1.36
N THR A 184 1.79 -6.58 -2.62
CA THR A 184 2.99 -7.26 -3.06
C THR A 184 4.33 -6.71 -2.57
N TYR A 185 4.48 -6.44 -1.28
CA TYR A 185 5.74 -5.91 -0.77
C TYR A 185 6.11 -6.20 0.69
N ASP A 186 5.54 -7.23 1.27
CA ASP A 186 5.81 -7.50 2.65
C ASP A 186 5.85 -9.00 2.73
N PHE A 187 6.70 -9.53 1.85
CA PHE A 187 6.92 -10.96 1.67
C PHE A 187 7.93 -11.56 2.63
N HIS A 188 9.13 -10.98 2.73
CA HIS A 188 10.11 -11.53 3.69
C HIS A 188 9.42 -11.00 4.94
N GLY A 189 8.97 -11.88 5.82
CA GLY A 189 8.25 -11.47 7.02
C GLY A 189 8.86 -10.58 8.08
N ALA A 190 8.41 -10.78 9.31
CA ALA A 190 8.90 -10.00 10.44
C ALA A 190 9.50 -11.07 11.34
N TRP A 191 9.65 -12.27 10.78
CA TRP A 191 10.11 -13.41 11.57
C TRP A 191 11.45 -14.09 11.27
N ARG A 192 12.01 -13.92 10.09
CA ARG A 192 13.28 -14.59 9.81
C ARG A 192 14.50 -13.96 10.49
N GLN A 193 15.54 -14.78 10.67
CA GLN A 193 16.79 -14.35 11.27
C GLN A 193 17.76 -14.39 10.10
N THR A 194 17.22 -14.18 8.92
CA THR A 194 18.01 -14.23 7.70
C THR A 194 17.71 -13.02 6.82
N VAL A 195 18.68 -12.63 6.01
CA VAL A 195 18.55 -11.48 5.12
C VAL A 195 17.77 -11.79 3.83
N GLY A 196 16.74 -10.99 3.57
CA GLY A 196 15.93 -11.17 2.37
C GLY A 196 15.21 -9.92 1.90
N HIS A 197 14.74 -9.95 0.65
CA HIS A 197 14.06 -8.81 0.06
C HIS A 197 12.55 -8.98 0.21
N HIS A 198 11.90 -7.92 0.70
CA HIS A 198 10.46 -7.89 0.94
C HIS A 198 9.61 -7.73 -0.31
N SER A 199 10.22 -7.51 -1.47
CA SER A 199 9.43 -7.32 -2.69
C SER A 199 10.07 -7.81 -3.97
N PRO A 200 10.47 -9.08 -4.00
CA PRO A 200 11.08 -9.51 -5.27
C PRO A 200 9.97 -9.56 -6.31
N LEU A 201 10.31 -9.33 -7.56
CA LEU A 201 9.29 -9.39 -8.60
C LEU A 201 9.16 -10.85 -8.98
N PHE A 202 10.30 -11.45 -9.24
CA PHE A 202 10.35 -12.84 -9.61
C PHE A 202 10.89 -13.71 -8.50
N ARG A 203 10.72 -15.00 -8.73
CA ARG A 203 11.11 -16.02 -7.79
C ARG A 203 12.61 -16.17 -7.47
N GLY A 204 13.45 -16.38 -8.49
CA GLY A 204 14.88 -16.53 -8.23
C GLY A 204 15.47 -17.87 -7.75
N ASN A 205 16.81 -17.95 -7.79
CA ASN A 205 17.60 -19.13 -7.43
C ASN A 205 17.85 -19.56 -5.98
N SER A 206 18.54 -18.70 -5.23
CA SER A 206 18.89 -19.04 -3.84
C SER A 206 17.68 -19.44 -3.02
N ASP A 207 16.51 -18.97 -3.45
CA ASP A 207 15.24 -19.25 -2.79
C ASP A 207 14.60 -20.59 -3.15
N ALA A 208 15.29 -21.69 -2.84
CA ALA A 208 14.72 -23.00 -3.15
C ALA A 208 13.70 -23.34 -2.06
N SER A 209 13.68 -22.55 -0.98
CA SER A 209 12.84 -22.79 0.18
C SER A 209 11.48 -22.12 0.43
N SER A 210 11.37 -20.83 0.11
CA SER A 210 10.11 -20.09 0.35
C SER A 210 9.57 -19.55 -0.99
N ARG A 211 9.21 -20.49 -1.83
CA ARG A 211 8.68 -20.46 -3.21
C ARG A 211 7.56 -19.54 -3.73
N PHE A 212 6.65 -19.06 -2.90
CA PHE A 212 5.61 -18.16 -3.41
C PHE A 212 5.70 -16.75 -2.85
N SER A 213 6.90 -16.29 -2.53
CA SER A 213 7.06 -14.96 -1.96
C SER A 213 7.62 -13.93 -2.93
N ASN A 214 6.90 -13.73 -4.03
CA ASN A 214 7.27 -12.77 -5.05
C ASN A 214 6.00 -12.27 -5.73
N ALA A 215 6.07 -11.08 -6.33
CA ALA A 215 4.93 -10.49 -6.99
C ALA A 215 4.31 -11.36 -8.09
N ASP A 216 5.16 -11.94 -8.94
CA ASP A 216 4.69 -12.79 -10.01
C ASP A 216 3.74 -13.88 -9.53
N TYR A 217 4.12 -14.63 -8.50
CA TYR A 217 3.25 -15.69 -8.00
C TYR A 217 1.91 -15.16 -7.48
N ALA A 218 1.96 -14.14 -6.63
CA ALA A 218 0.76 -13.53 -6.06
C ALA A 218 -0.21 -13.19 -7.18
N VAL A 219 0.29 -12.50 -8.21
CA VAL A 219 -0.55 -12.12 -9.32
C VAL A 219 -1.22 -13.31 -9.98
N SER A 220 -0.39 -14.23 -10.49
CA SER A 220 -0.87 -15.43 -11.15
C SER A 220 -1.91 -16.13 -10.28
N TYR A 221 -1.67 -16.16 -8.98
CA TYR A 221 -2.56 -16.80 -8.04
C TYR A 221 -3.93 -16.11 -7.95
N MET A 222 -3.93 -14.78 -7.79
CA MET A 222 -5.18 -14.04 -7.72
C MET A 222 -5.93 -14.30 -9.02
N LEU A 223 -5.19 -14.29 -10.13
CA LEU A 223 -5.83 -14.53 -11.41
C LEU A 223 -6.51 -15.91 -11.54
N ARG A 224 -5.87 -16.98 -11.07
CA ARG A 224 -6.54 -18.28 -11.20
C ARG A 224 -7.57 -18.50 -10.12
N LEU A 225 -7.59 -17.61 -9.14
CA LEU A 225 -8.54 -17.71 -8.04
C LEU A 225 -9.87 -17.08 -8.42
N GLY A 226 -9.88 -16.30 -9.50
CA GLY A 226 -11.12 -15.67 -9.93
C GLY A 226 -11.15 -14.16 -10.06
N ALA A 227 -10.08 -13.46 -9.68
CA ALA A 227 -10.08 -12.01 -9.79
C ALA A 227 -9.85 -11.53 -11.24
N PRO A 228 -10.78 -10.73 -11.80
CA PRO A 228 -10.55 -10.26 -13.17
C PRO A 228 -9.32 -9.36 -13.20
N ALA A 229 -8.53 -9.48 -14.27
CA ALA A 229 -7.32 -8.68 -14.40
C ALA A 229 -7.57 -7.17 -14.24
N ASN A 230 -8.67 -6.68 -14.79
CA ASN A 230 -8.95 -5.25 -14.72
C ASN A 230 -9.50 -4.72 -13.41
N LYS A 231 -9.41 -5.53 -12.36
CA LYS A 231 -9.83 -5.11 -11.03
C LYS A 231 -8.63 -5.24 -10.10
N LEU A 232 -7.56 -5.82 -10.63
CA LEU A 232 -6.33 -6.03 -9.90
C LEU A 232 -5.34 -4.88 -10.03
N VAL A 233 -4.76 -4.47 -8.90
CA VAL A 233 -3.77 -3.40 -8.88
C VAL A 233 -2.59 -3.87 -8.03
N MET A 234 -1.41 -3.86 -8.63
CA MET A 234 -0.21 -4.34 -7.94
C MET A 234 0.52 -3.27 -7.12
N GLY A 235 0.66 -3.54 -5.83
CA GLY A 235 1.32 -2.58 -4.97
C GLY A 235 2.82 -2.48 -5.12
N ILE A 236 3.29 -1.26 -5.29
CA ILE A 236 4.73 -1.01 -5.43
C ILE A 236 5.12 -0.25 -4.19
N PRO A 237 6.21 -0.64 -3.51
CA PRO A 237 6.56 0.11 -2.31
C PRO A 237 7.48 1.28 -2.60
N THR A 238 7.51 2.23 -1.69
CA THR A 238 8.33 3.42 -1.84
C THR A 238 9.26 3.52 -0.63
N PHE A 239 9.22 2.48 0.21
CA PHE A 239 10.05 2.41 1.40
C PHE A 239 11.03 1.27 1.26
N GLY A 240 11.95 1.14 2.21
CA GLY A 240 12.93 0.08 2.14
C GLY A 240 12.83 -0.64 3.46
N ARG A 241 13.39 -1.84 3.54
CA ARG A 241 13.35 -2.55 4.80
C ARG A 241 14.83 -2.80 5.20
N SER A 242 15.21 -2.36 6.41
CA SER A 242 16.60 -2.48 6.95
C SER A 242 16.84 -3.65 7.91
N PHE A 243 18.10 -4.07 8.00
CA PHE A 243 18.49 -5.18 8.86
C PHE A 243 19.85 -4.84 9.44
N THR A 244 20.08 -5.29 10.66
CA THR A 244 21.35 -5.12 11.32
C THR A 244 22.00 -6.51 11.21
N LEU A 245 23.15 -6.57 10.55
CA LEU A 245 23.85 -7.84 10.37
C LEU A 245 24.47 -8.39 11.65
N ALA A 246 24.73 -9.69 11.66
CA ALA A 246 25.33 -10.37 12.81
C ALA A 246 26.74 -10.86 12.47
N SER A 247 27.10 -10.86 11.19
CA SER A 247 28.41 -11.29 10.74
C SER A 247 28.82 -10.36 9.61
N SER A 248 30.03 -10.49 9.10
CA SER A 248 30.48 -9.62 8.01
C SER A 248 29.95 -10.12 6.66
N LYS A 249 29.04 -11.09 6.70
CA LYS A 249 28.44 -11.64 5.49
C LYS A 249 27.41 -10.68 4.94
N THR A 250 27.67 -10.16 3.74
CA THR A 250 26.77 -9.20 3.11
C THR A 250 25.82 -9.85 2.11
N ASP A 251 26.25 -10.97 1.51
CA ASP A 251 25.44 -11.63 0.51
C ASP A 251 24.26 -12.47 0.97
N VAL A 252 23.58 -13.04 -0.02
CA VAL A 252 22.41 -13.89 0.16
C VAL A 252 22.40 -14.82 1.37
N GLY A 253 21.37 -14.74 2.20
CA GLY A 253 21.27 -15.62 3.34
C GLY A 253 21.97 -15.26 4.64
N ALA A 254 22.83 -14.25 4.65
CA ALA A 254 23.53 -13.82 5.86
C ALA A 254 22.62 -13.70 7.10
N PRO A 255 23.18 -13.89 8.31
CA PRO A 255 22.36 -13.79 9.52
C PRO A 255 22.19 -12.35 10.02
N ILE A 256 21.09 -12.10 10.72
CA ILE A 256 20.81 -10.77 11.26
C ILE A 256 20.57 -10.85 12.77
N SER A 257 20.80 -9.73 13.46
CA SER A 257 20.59 -9.67 14.90
C SER A 257 19.20 -9.10 15.18
N GLY A 258 18.69 -8.31 14.24
CA GLY A 258 17.39 -7.70 14.41
C GLY A 258 17.12 -6.70 13.31
N PRO A 259 16.09 -5.85 13.45
CA PRO A 259 15.81 -4.86 12.40
C PRO A 259 16.88 -3.78 12.33
N GLY A 260 16.92 -3.02 11.24
CA GLY A 260 17.90 -1.95 11.10
C GLY A 260 17.64 -0.75 11.99
N ILE A 261 18.65 0.11 12.13
CA ILE A 261 18.53 1.30 12.98
C ILE A 261 17.60 2.32 12.31
N PRO A 262 16.89 3.11 13.13
CA PRO A 262 15.94 4.13 12.68
C PRO A 262 16.48 5.26 11.80
N GLY A 263 15.68 5.62 10.80
CA GLY A 263 16.03 6.71 9.90
C GLY A 263 15.90 8.00 10.71
N ARG A 264 16.66 9.02 10.31
CA ARG A 264 16.65 10.27 11.04
C ARG A 264 15.31 10.98 11.02
N PHE A 265 14.50 10.73 10.01
CA PHE A 265 13.21 11.38 9.88
C PHE A 265 12.05 10.45 10.20
N THR A 266 12.15 9.25 9.66
CA THR A 266 11.15 8.23 9.79
C THR A 266 11.05 7.63 11.20
N LYS A 267 12.13 7.76 11.97
CA LYS A 267 12.21 7.26 13.33
C LYS A 267 11.45 5.98 13.58
N GLU A 268 11.86 4.88 12.94
CA GLU A 268 11.17 3.60 13.11
C GLU A 268 12.02 2.39 12.71
N LYS A 269 12.34 1.56 13.70
CA LYS A 269 13.14 0.36 13.50
C LYS A 269 12.73 -0.50 12.30
N GLY A 270 13.67 -0.77 11.41
CA GLY A 270 13.38 -1.63 10.27
C GLY A 270 12.80 -1.02 9.01
N ILE A 271 12.52 0.27 9.01
CA ILE A 271 11.97 0.93 7.83
C ILE A 271 12.70 2.23 7.51
N LEU A 272 12.90 2.50 6.22
CA LEU A 272 13.54 3.72 5.75
C LEU A 272 12.74 4.25 4.58
N ALA A 273 12.57 5.57 4.51
CA ALA A 273 11.85 6.15 3.39
C ALA A 273 12.83 6.16 2.21
N TYR A 274 12.32 6.26 0.99
CA TYR A 274 13.23 6.26 -0.16
C TYR A 274 14.17 7.48 -0.07
N TYR A 275 13.68 8.58 0.52
CA TYR A 275 14.52 9.75 0.65
C TYR A 275 15.59 9.52 1.71
N GLU A 276 15.33 8.61 2.64
CA GLU A 276 16.34 8.28 3.65
C GLU A 276 17.33 7.32 2.99
N ILE A 277 16.81 6.41 2.17
CA ILE A 277 17.65 5.48 1.43
C ILE A 277 18.60 6.27 0.50
N CYS A 278 18.07 7.32 -0.14
CA CYS A 278 18.89 8.13 -1.03
C CYS A 278 20.11 8.73 -0.35
N ASP A 279 19.95 9.12 0.90
CA ASP A 279 21.04 9.69 1.68
C ASP A 279 21.96 8.55 2.13
N PHE A 280 21.36 7.41 2.43
CA PHE A 280 22.06 6.21 2.87
C PHE A 280 22.98 5.61 1.79
N LEU A 281 22.66 5.85 0.53
CA LEU A 281 23.48 5.31 -0.54
C LEU A 281 24.91 5.84 -0.58
N HIS A 282 25.10 7.12 -0.26
CA HIS A 282 26.44 7.70 -0.25
C HIS A 282 27.33 6.92 0.72
N GLY A 283 28.31 6.19 0.18
CA GLY A 283 29.18 5.41 1.02
C GLY A 283 28.75 3.96 1.15
N ALA A 284 27.62 3.62 0.54
CA ALA A 284 27.14 2.24 0.60
C ALA A 284 27.50 1.47 -0.67
N THR A 285 27.49 0.14 -0.60
CA THR A 285 27.79 -0.69 -1.76
C THR A 285 26.43 -1.12 -2.26
N THR A 286 26.17 -0.93 -3.54
CA THR A 286 24.86 -1.31 -4.04
C THR A 286 24.94 -2.59 -4.86
N HIS A 287 24.10 -3.55 -4.50
CA HIS A 287 24.04 -4.83 -5.19
C HIS A 287 22.65 -4.97 -5.77
N ARG A 288 22.47 -5.96 -6.64
CA ARG A 288 21.17 -6.16 -7.27
C ARG A 288 20.95 -7.62 -7.64
N PHE A 289 19.90 -8.22 -7.07
CA PHE A 289 19.58 -9.63 -7.37
C PHE A 289 19.16 -9.62 -8.83
N ARG A 290 19.81 -10.41 -9.66
CA ARG A 290 19.45 -10.44 -11.09
C ARG A 290 18.12 -11.19 -11.24
N ASP A 291 18.01 -12.31 -10.54
CA ASP A 291 16.82 -13.13 -10.55
C ASP A 291 15.53 -12.39 -10.26
N GLN A 292 15.43 -11.91 -9.02
CA GLN A 292 14.26 -11.21 -8.50
C GLN A 292 14.13 -9.79 -9.04
N GLN A 293 15.19 -9.33 -9.70
CA GLN A 293 15.22 -7.99 -10.28
C GLN A 293 14.98 -6.83 -9.31
N VAL A 294 15.57 -6.90 -8.13
CA VAL A 294 15.46 -5.86 -7.12
C VAL A 294 16.79 -5.63 -6.43
N PRO A 295 17.08 -4.38 -6.04
CA PRO A 295 18.33 -3.99 -5.38
C PRO A 295 18.36 -3.98 -3.86
N TYR A 296 19.58 -3.95 -3.32
CA TYR A 296 19.81 -3.86 -1.88
C TYR A 296 21.14 -3.15 -1.65
N ALA A 297 21.40 -2.74 -0.42
CA ALA A 297 22.66 -2.03 -0.14
C ALA A 297 23.22 -2.35 1.25
N THR A 298 24.49 -1.98 1.43
CA THR A 298 25.15 -2.20 2.72
C THR A 298 26.22 -1.15 3.02
N LYS A 299 26.32 -0.82 4.29
CA LYS A 299 27.25 0.17 4.86
C LYS A 299 27.48 -0.38 6.26
N GLY A 300 28.72 -0.47 6.71
CA GLY A 300 28.95 -0.99 8.05
C GLY A 300 28.16 -2.27 8.26
N ASN A 301 27.27 -2.27 9.25
CA ASN A 301 26.45 -3.45 9.52
C ASN A 301 24.98 -3.24 9.17
N GLN A 302 24.70 -2.34 8.23
CA GLN A 302 23.32 -2.10 7.83
C GLN A 302 23.06 -2.62 6.42
N TRP A 303 22.06 -3.50 6.32
CA TRP A 303 21.68 -4.09 5.04
C TRP A 303 20.25 -3.59 4.73
N VAL A 304 20.11 -2.88 3.61
CA VAL A 304 18.82 -2.33 3.19
C VAL A 304 18.30 -2.91 1.89
N ALA A 305 17.07 -3.39 1.91
CA ALA A 305 16.42 -3.93 0.72
C ALA A 305 15.42 -2.86 0.33
N TYR A 306 15.62 -2.24 -0.82
CA TYR A 306 14.74 -1.17 -1.26
C TYR A 306 14.38 -1.27 -2.72
N ASP A 307 13.57 -0.32 -3.18
CA ASP A 307 13.18 -0.21 -4.58
C ASP A 307 13.66 1.12 -5.16
N ASP A 308 14.21 1.08 -6.38
CA ASP A 308 14.65 2.32 -7.01
C ASP A 308 13.98 2.52 -8.35
N GLN A 309 14.27 3.66 -8.99
CA GLN A 309 13.68 4.01 -10.27
C GLN A 309 13.56 2.85 -11.24
N GLU A 310 14.64 2.10 -11.38
CA GLU A 310 14.69 0.99 -12.30
C GLU A 310 13.78 -0.18 -11.94
N SER A 311 13.91 -0.68 -10.72
CA SER A 311 13.11 -1.81 -10.31
C SER A 311 11.63 -1.47 -10.36
N VAL A 312 11.29 -0.25 -10.02
CA VAL A 312 9.91 0.20 -10.03
C VAL A 312 9.34 0.30 -11.46
N LYS A 313 10.17 0.70 -12.42
CA LYS A 313 9.72 0.77 -13.82
C LYS A 313 9.48 -0.66 -14.29
N ASN A 314 10.29 -1.57 -13.77
CA ASN A 314 10.19 -2.99 -14.10
C ASN A 314 8.89 -3.62 -13.61
N LYS A 315 8.59 -3.40 -12.34
CA LYS A 315 7.36 -3.93 -11.76
C LYS A 315 6.21 -3.34 -12.57
N ALA A 316 6.39 -2.09 -12.99
CA ALA A 316 5.37 -1.40 -13.78
C ALA A 316 5.17 -2.01 -15.17
N ARG A 317 6.25 -2.46 -15.82
CA ARG A 317 6.12 -3.08 -17.14
C ARG A 317 5.45 -4.43 -16.99
N TYR A 318 5.81 -5.14 -15.94
CA TYR A 318 5.22 -6.44 -15.68
C TYR A 318 3.71 -6.29 -15.64
N LEU A 319 3.28 -5.41 -14.75
CA LEU A 319 1.88 -5.10 -14.52
C LEU A 319 1.13 -4.88 -15.84
N LYS A 320 1.79 -4.20 -16.78
CA LYS A 320 1.22 -3.92 -18.10
C LYS A 320 1.12 -5.18 -18.97
N ASN A 321 2.18 -5.99 -18.99
CA ASN A 321 2.19 -7.21 -19.78
C ASN A 321 1.16 -8.22 -19.32
N ARG A 322 0.87 -8.25 -18.02
CA ARG A 322 -0.16 -9.16 -17.54
C ARG A 322 -1.53 -8.46 -17.58
N GLN A 323 -1.54 -7.22 -18.08
CA GLN A 323 -2.76 -6.43 -18.23
C GLN A 323 -3.55 -6.12 -16.98
N LEU A 324 -2.89 -5.68 -15.93
CA LEU A 324 -3.61 -5.35 -14.71
C LEU A 324 -4.22 -3.95 -14.81
N ALA A 325 -5.07 -3.59 -13.85
CA ALA A 325 -5.73 -2.30 -13.88
C ALA A 325 -4.75 -1.15 -13.70
N GLY A 326 -3.68 -1.39 -12.95
CA GLY A 326 -2.69 -0.37 -12.73
C GLY A 326 -1.80 -0.69 -11.55
N ALA A 327 -1.15 0.34 -11.02
CA ALA A 327 -0.25 0.16 -9.90
C ALA A 327 -0.76 0.92 -8.69
N MET A 328 -0.30 0.51 -7.52
CA MET A 328 -0.60 1.17 -6.28
C MET A 328 0.76 1.45 -5.70
N VAL A 329 0.94 2.65 -5.13
CA VAL A 329 2.20 3.03 -4.52
C VAL A 329 1.94 3.24 -3.02
N TRP A 330 2.67 2.52 -2.17
CA TRP A 330 2.41 2.74 -0.77
C TRP A 330 3.35 3.79 -0.24
N ALA A 331 2.70 4.89 0.09
CA ALA A 331 3.20 6.08 0.73
C ALA A 331 3.85 7.15 -0.14
N LEU A 332 3.03 8.14 -0.50
CA LEU A 332 3.48 9.29 -1.29
C LEU A 332 4.47 10.06 -0.43
N ASP A 333 4.32 9.90 0.89
CA ASP A 333 5.15 10.59 1.86
C ASP A 333 6.45 9.87 2.19
N LEU A 334 6.67 8.72 1.56
CA LEU A 334 7.90 7.95 1.78
C LEU A 334 8.78 8.12 0.54
N ASP A 335 8.18 8.65 -0.52
CA ASP A 335 8.86 8.92 -1.77
C ASP A 335 9.55 10.28 -1.48
N ASP A 336 10.41 10.74 -2.39
CA ASP A 336 11.05 12.05 -2.21
C ASP A 336 10.06 13.14 -2.68
N PHE A 337 9.08 13.48 -1.83
CA PHE A 337 8.10 14.49 -2.20
C PHE A 337 8.71 15.88 -2.37
N ARG A 338 9.65 16.25 -1.52
CA ARG A 338 10.29 17.56 -1.69
C ARG A 338 11.20 17.54 -2.93
N GLY A 339 11.79 16.39 -3.22
CA GLY A 339 12.66 16.29 -4.37
C GLY A 339 14.04 16.87 -4.13
N THR A 340 14.39 17.04 -2.86
CA THR A 340 15.68 17.62 -2.51
C THR A 340 16.56 16.68 -1.68
N PHE A 341 16.38 15.38 -1.87
CA PHE A 341 17.15 14.36 -1.15
C PHE A 341 17.83 13.36 -2.11
N CYS A 342 17.17 13.06 -3.23
CA CYS A 342 17.70 12.09 -4.17
C CYS A 342 18.58 12.43 -5.37
N GLY A 343 19.24 13.58 -5.37
CA GLY A 343 20.12 13.87 -6.48
C GLY A 343 19.43 14.20 -7.79
N GLN A 344 18.75 13.23 -8.40
CA GLN A 344 18.01 13.48 -9.63
C GLN A 344 17.13 14.69 -9.29
N ASN A 345 16.70 15.46 -10.29
CA ASN A 345 15.94 16.69 -10.03
C ASN A 345 14.43 16.64 -9.71
N LEU A 346 13.76 15.59 -10.15
CA LEU A 346 12.32 15.38 -9.94
C LEU A 346 11.74 15.42 -8.52
N THR A 347 10.43 15.60 -8.49
CA THR A 347 9.66 15.56 -7.27
C THR A 347 8.99 14.16 -7.37
N PHE A 348 8.97 13.39 -6.29
CA PHE A 348 8.40 12.03 -6.32
C PHE A 348 9.09 11.23 -7.43
N PRO A 349 10.39 10.96 -7.28
CA PRO A 349 11.11 10.21 -8.31
C PRO A 349 10.49 8.85 -8.58
N LEU A 350 10.27 8.09 -7.52
CA LEU A 350 9.70 6.75 -7.63
C LEU A 350 8.30 6.69 -8.23
N THR A 351 7.36 7.47 -7.69
CA THR A 351 6.00 7.45 -8.22
C THR A 351 5.96 7.91 -9.67
N SER A 352 6.77 8.90 -10.02
CA SER A 352 6.83 9.41 -11.39
C SER A 352 7.31 8.35 -12.37
N ALA A 353 8.27 7.56 -11.94
CA ALA A 353 8.80 6.49 -12.76
C ALA A 353 7.69 5.53 -13.12
N VAL A 354 6.75 5.31 -12.21
CA VAL A 354 5.64 4.41 -12.49
C VAL A 354 4.66 5.07 -13.47
N LYS A 355 4.36 6.35 -13.25
CA LYS A 355 3.44 7.06 -14.13
C LYS A 355 3.96 7.05 -15.56
N ASP A 356 5.27 7.27 -15.72
CA ASP A 356 5.86 7.30 -17.05
C ASP A 356 5.63 6.01 -17.81
N VAL A 357 5.89 4.88 -17.17
CA VAL A 357 5.70 3.60 -17.84
C VAL A 357 4.23 3.32 -18.12
N LEU A 358 3.37 3.65 -17.15
CA LEU A 358 1.93 3.43 -17.32
C LEU A 358 1.42 4.25 -18.49
N ALA A 359 2.01 5.41 -18.70
CA ALA A 359 1.59 6.31 -19.77
C ALA A 359 2.19 6.02 -21.12
N ARG A 360 3.24 5.19 -21.17
CA ARG A 360 3.89 4.96 -22.46
C ARG A 360 3.40 3.76 -23.25
N VAL A 361 2.12 3.42 -23.13
CA VAL A 361 1.47 2.30 -23.83
C VAL A 361 1.23 1.13 -22.90
C1 NAG B . -10.76 4.69 17.83
C2 NAG B . -10.05 5.68 18.77
C3 NAG B . -10.09 5.34 20.27
C4 NAG B . -11.30 4.51 20.75
C5 NAG B . -11.88 3.60 19.67
C6 NAG B . -13.29 3.17 20.04
C7 NAG B . -8.14 6.99 18.04
C8 NAG B . -6.66 7.01 17.67
N2 NAG B . -8.65 5.80 18.38
O3 NAG B . -10.09 6.56 21.00
O4 NAG B . -10.95 3.75 21.96
O5 NAG B . -12.01 4.31 18.42
O6 NAG B . -13.61 1.93 19.44
O7 NAG B . -8.80 8.02 18.01
C1 NAG B . -11.74 4.04 23.13
C2 NAG B . -11.63 3.02 24.32
C3 NAG B . -12.12 3.69 25.66
C4 NAG B . -11.68 5.14 25.88
C5 NAG B . -11.77 5.96 24.57
C6 NAG B . -10.39 6.35 24.04
C7 NAG B . -13.01 1.21 23.27
C8 NAG B . -13.50 -0.25 23.48
N2 NAG B . -12.18 1.66 24.22
O3 NAG B . -11.74 2.90 26.79
O4 NAG B . -12.55 5.74 26.87
O5 NAG B . -12.46 5.20 23.54
O6 NAG B . -10.50 7.46 23.18
O7 NAG B . -13.46 1.89 22.31
C1 MAN B . -13.74 6.11 27.59
C2 MAN B . -14.46 5.12 28.55
C3 MAN B . -15.08 5.74 29.82
C4 MAN B . -15.40 7.22 29.66
C5 MAN B . -15.69 7.50 28.21
C6 MAN B . -16.24 8.90 27.98
O2 MAN B . -13.57 4.09 28.94
O3 MAN B . -14.19 5.56 30.90
O4 MAN B . -16.54 7.56 30.44
O5 MAN B . -14.47 7.38 27.44
O6 MAN B . -15.99 9.76 29.10
C2 BGC C . 4.23 -2.92 6.35
C3 BGC C . 3.87 -1.96 7.55
C4 BGC C . 4.68 -0.61 7.58
C5 BGC C . 4.41 0.13 6.16
C6 BGC C . 5.21 1.49 5.99
C1 BGC C . 3.97 -2.08 5.03
O1 BGC C . 4.35 -2.87 3.91
O2 BGC C . 3.49 -4.19 6.32
O3 BGC C . 4.09 -2.69 8.80
O4 BGC C . 3.91 -0.05 8.73
O5 BGC C . 4.68 -0.78 5.04
O6 BGC C . 4.36 2.68 6.05
C2 BGC C . 4.30 2.57 9.50
C3 BGC C . 4.02 2.74 11.03
C4 BGC C . 2.55 2.91 11.25
C5 BGC C . 1.70 1.74 10.70
C6 BGC C . 0.13 1.84 10.78
C1 BGC C . 3.64 1.37 8.88
O2 BGC C . 5.76 2.44 9.29
O3 BGC C . 4.70 3.88 11.52
O4 BGC C . 2.24 3.11 12.63
O5 BGC C . 2.13 1.56 9.21
O6 BGC C . -0.39 3.11 11.38
#